data_3NZD
#
_entry.id   3NZD
#
_cell.length_a   84.622
_cell.length_b   84.622
_cell.length_c   77.597
_cell.angle_alpha   90.00
_cell.angle_beta   90.00
_cell.angle_gamma   120.00
#
_symmetry.space_group_name_H-M   'H 3'
#
loop_
_entity.id
_entity.type
_entity.pdbx_description
1 polymer 'Dihydrofolate reductase'
2 non-polymer 'ethyl 5-{2-[(2,4-diamino-5-methylpyrido[2,3-d]pyrimidin-6-yl)methyl]-4-methoxyphenoxy}pentanoate'
3 non-polymer 'NADPH DIHYDRO-NICOTINAMIDE-ADENINE-DINUCLEOTIDE PHOSPHATE'
4 water water
#
_entity_poly.entity_id   1
_entity_poly.type   'polypeptide(L)'
_entity_poly.pdbx_seq_one_letter_code
;VGSLNCIVAVSQNMGIGKNGDLPWPPLRNEFRYFQRMTTTSSVEGKQNLVIMGKKTWFSIPEKNRPLKGRINLVLSRELK
EPPQGAHFLSRSLDDALKLTEQPELANKVDMVWIVGGSSVYKEAMNHPGHLKLFVTRIMQDFESDTFFPEIDLEKYKLLP
EYPGVLSDVQEEKGIKYKFEVYEKND
;
_entity_poly.pdbx_strand_id   A
#
loop_
_chem_comp.id
_chem_comp.type
_chem_comp.name
_chem_comp.formula
D2Q non-polymer 'ethyl 5-{2-[(2,4-diamino-5-methylpyrido[2,3-d]pyrimidin-6-yl)methyl]-4-methoxyphenoxy}pentanoate' 'C23 H29 N5 O4'
NDP non-polymer 'NADPH DIHYDRO-NICOTINAMIDE-ADENINE-DINUCLEOTIDE PHOSPHATE' 'C21 H30 N7 O17 P3'
#
# COMPACT_ATOMS: atom_id res chain seq x y z
N VAL A 1 -16.26 1.14 8.38
CA VAL A 1 -14.91 0.97 7.73
C VAL A 1 -13.93 1.70 8.66
N GLY A 2 -12.69 1.24 8.82
CA GLY A 2 -11.76 1.97 9.69
C GLY A 2 -10.77 2.89 8.92
N SER A 3 -9.52 2.88 9.37
CA SER A 3 -8.53 3.83 8.84
C SER A 3 -8.18 3.63 7.35
N LEU A 4 -7.72 4.72 6.75
CA LEU A 4 -7.08 4.70 5.44
C LEU A 4 -5.60 4.82 5.63
N ASN A 5 -4.84 4.03 4.89
CA ASN A 5 -3.38 3.97 5.04
C ASN A 5 -2.77 3.71 3.68
N CYS A 6 -1.58 4.26 3.45
CA CYS A 6 -0.77 3.85 2.29
C CYS A 6 0.40 3.03 2.85
N ILE A 7 0.88 2.08 2.04
CA ILE A 7 2.13 1.44 2.36
C ILE A 7 3.04 1.27 1.13
N VAL A 8 4.37 1.41 1.30
CA VAL A 8 5.29 1.52 0.18
C VAL A 8 6.69 1.24 0.72
N ALA A 9 7.54 0.75 -0.18
CA ALA A 9 8.98 0.75 0.11
C ALA A 9 9.69 1.61 -0.89
N VAL A 10 10.61 2.45 -0.44
CA VAL A 10 11.10 3.45 -1.35
C VAL A 10 12.64 3.59 -1.21
N SER A 11 13.33 3.73 -2.34
CA SER A 11 14.85 3.95 -2.28
C SER A 11 15.17 5.42 -1.92
N GLN A 12 16.46 5.70 -1.64
CA GLN A 12 16.86 7.06 -1.28
C GLN A 12 16.52 8.07 -2.33
N ASN A 13 16.57 7.65 -3.60
CA ASN A 13 16.20 8.54 -4.70
C ASN A 13 14.72 8.46 -5.05
N MET A 14 13.93 8.00 -4.07
CA MET A 14 12.45 8.06 -4.11
C MET A 14 11.89 7.05 -5.12
N GLY A 15 12.70 6.08 -5.52
CA GLY A 15 12.24 5.08 -6.50
C GLY A 15 11.38 3.99 -5.88
N ILE A 16 10.33 3.55 -6.61
CA ILE A 16 9.49 2.39 -6.15
C ILE A 16 9.39 1.24 -7.17
N GLY A 17 9.74 1.50 -8.42
CA GLY A 17 9.53 0.47 -9.43
C GLY A 17 10.51 0.69 -10.58
N LYS A 18 10.79 -0.38 -11.27
CA LYS A 18 11.54 -0.30 -12.53
C LYS A 18 11.06 -1.44 -13.41
N ASN A 19 10.64 -1.13 -14.66
CA ASN A 19 10.16 -2.16 -15.62
C ASN A 19 9.15 -3.12 -14.97
N GLY A 20 8.19 -2.63 -14.17
CA GLY A 20 7.08 -3.49 -13.73
C GLY A 20 7.50 -4.38 -12.57
N ASP A 21 8.68 -4.10 -12.02
CA ASP A 21 9.15 -4.83 -10.82
C ASP A 21 9.75 -3.89 -9.78
N LEU A 22 10.17 -4.44 -8.63
CA LEU A 22 10.86 -3.61 -7.60
C LEU A 22 12.27 -3.22 -8.09
N PRO A 23 12.80 -2.06 -7.70
CA PRO A 23 14.15 -1.67 -8.17
C PRO A 23 15.27 -2.51 -7.55
N TRP A 24 15.01 -3.09 -6.39
CA TRP A 24 16.03 -3.83 -5.66
C TRP A 24 15.73 -5.32 -5.74
N PRO A 25 16.74 -6.16 -5.41
CA PRO A 25 16.44 -7.57 -5.33
C PRO A 25 15.38 -7.87 -4.25
N PRO A 26 14.68 -9.00 -4.38
CA PRO A 26 13.64 -9.32 -3.39
C PRO A 26 14.16 -9.21 -1.94
N LEU A 27 13.43 -8.49 -1.08
CA LEU A 27 13.79 -8.48 0.34
C LEU A 27 12.74 -9.22 1.11
N ARG A 28 13.01 -10.48 1.43
CA ARG A 28 11.88 -11.32 1.81
C ARG A 28 11.23 -10.91 3.15
N ASN A 29 12.02 -10.46 4.14
CA ASN A 29 11.40 -9.95 5.38
C ASN A 29 10.68 -8.62 5.24
N GLU A 30 11.15 -7.82 4.28
CA GLU A 30 10.39 -6.61 3.94
C GLU A 30 9.04 -7.00 3.41
N PHE A 31 8.99 -7.93 2.49
CA PHE A 31 7.71 -8.38 2.04
C PHE A 31 6.86 -9.05 3.14
N ARG A 32 7.46 -9.81 4.05
CA ARG A 32 6.66 -10.38 5.16
C ARG A 32 6.05 -9.26 6.06
N TYR A 33 6.83 -8.21 6.24
CA TYR A 33 6.34 -7.01 6.98
C TYR A 33 5.09 -6.44 6.25
N PHE A 34 5.21 -6.22 4.94
CA PHE A 34 4.09 -5.68 4.13
C PHE A 34 2.86 -6.60 4.32
N GLN A 35 3.07 -7.91 4.21
CA GLN A 35 1.98 -8.87 4.31
C GLN A 35 1.27 -8.77 5.69
N ARG A 36 2.10 -8.76 6.73
CA ARG A 36 1.62 -8.75 8.14
C ARG A 36 0.87 -7.47 8.40
N MET A 37 1.46 -6.35 8.00
CA MET A 37 0.83 -5.04 8.31
C MET A 37 -0.55 -4.92 7.59
N THR A 38 -0.62 -5.30 6.32
CA THR A 38 -1.85 -5.11 5.57
C THR A 38 -2.91 -6.20 5.86
N THR A 39 -2.46 -7.38 6.30
CA THR A 39 -3.42 -8.49 6.62
C THR A 39 -4.04 -8.40 8.05
N THR A 40 -3.25 -7.92 8.99
CA THR A 40 -3.69 -7.85 10.41
C THR A 40 -4.84 -6.83 10.64
N SER A 41 -5.96 -7.33 11.15
CA SER A 41 -7.14 -6.54 11.40
C SER A 41 -7.42 -6.54 12.92
N SER A 42 -7.47 -5.35 13.50
CA SER A 42 -7.72 -5.16 14.92
C SER A 42 -9.21 -5.26 15.33
N VAL A 43 -10.03 -6.01 14.56
CA VAL A 43 -11.50 -6.13 14.73
C VAL A 43 -12.04 -7.52 14.27
N GLU A 44 -12.76 -8.21 15.15
CA GLU A 44 -13.18 -9.59 14.81
C GLU A 44 -14.28 -9.67 13.77
N GLY A 45 -14.22 -10.73 12.97
CA GLY A 45 -15.18 -10.85 11.86
C GLY A 45 -14.93 -9.92 10.68
N LYS A 46 -13.86 -9.10 10.69
CA LYS A 46 -13.60 -8.24 9.53
C LYS A 46 -12.24 -8.55 8.91
N GLN A 47 -12.04 -8.13 7.66
CA GLN A 47 -10.71 -8.22 7.05
C GLN A 47 -10.36 -6.84 6.47
N ASN A 48 -9.11 -6.65 6.15
CA ASN A 48 -8.69 -5.41 5.52
C ASN A 48 -8.87 -5.47 3.99
N LEU A 49 -9.05 -4.30 3.40
CA LEU A 49 -9.14 -4.20 1.93
C LEU A 49 -7.87 -3.55 1.40
N VAL A 50 -7.36 -4.06 0.26
CA VAL A 50 -6.18 -3.43 -0.36
C VAL A 50 -6.67 -2.85 -1.67
N ILE A 51 -6.24 -1.62 -1.94
CA ILE A 51 -6.54 -0.95 -3.22
C ILE A 51 -5.22 -0.77 -3.98
N MET A 52 -5.22 -1.17 -5.24
CA MET A 52 -4.03 -0.93 -6.06
C MET A 52 -4.37 -0.53 -7.51
N GLY A 53 -3.48 0.22 -8.16
CA GLY A 53 -3.59 0.45 -9.63
C GLY A 53 -3.41 -0.83 -10.41
N LYS A 54 -3.80 -0.80 -11.68
CA LYS A 54 -3.76 -1.98 -12.55
C LYS A 54 -2.31 -2.53 -12.73
N LYS A 55 -1.38 -1.61 -12.95
CA LYS A 55 0.01 -2.07 -13.14
C LYS A 55 0.55 -2.81 -11.89
N THR A 56 0.21 -2.31 -10.69
CA THR A 56 0.64 -2.94 -9.45
C THR A 56 0.10 -4.31 -9.38
N TRP A 57 -1.22 -4.46 -9.65
CA TRP A 57 -1.79 -5.85 -9.65
C TRP A 57 -0.93 -6.77 -10.47
N PHE A 58 -0.66 -6.36 -11.73
CA PHE A 58 0.08 -7.31 -12.60
C PHE A 58 1.58 -7.44 -12.29
N SER A 59 2.06 -6.56 -11.43
N SER A 59 2.08 -6.55 -11.45
CA SER A 59 3.46 -6.54 -10.99
CA SER A 59 3.48 -6.60 -11.02
C SER A 59 3.71 -7.52 -9.85
C SER A 59 3.67 -7.71 -9.99
N ILE A 60 2.63 -7.89 -9.17
CA ILE A 60 2.71 -8.89 -8.09
C ILE A 60 2.76 -10.29 -8.75
N PRO A 61 3.71 -11.17 -8.34
CA PRO A 61 3.71 -12.47 -9.00
C PRO A 61 2.36 -13.20 -8.85
N GLU A 62 1.89 -13.79 -9.95
CA GLU A 62 0.67 -14.65 -9.94
C GLU A 62 0.48 -15.52 -8.69
N LYS A 63 1.54 -16.17 -8.19
CA LYS A 63 1.37 -17.05 -7.01
C LYS A 63 0.90 -16.31 -5.77
N ASN A 64 1.20 -14.99 -5.74
CA ASN A 64 0.92 -14.15 -4.58
C ASN A 64 -0.28 -13.27 -4.75
N ARG A 65 -1.01 -13.40 -5.87
CA ARG A 65 -2.29 -12.73 -6.05
C ARG A 65 -3.47 -13.72 -6.16
N PRO A 66 -4.64 -13.31 -5.64
CA PRO A 66 -4.84 -12.06 -4.85
C PRO A 66 -4.01 -12.12 -3.56
N LEU A 67 -3.70 -10.97 -2.96
CA LEU A 67 -3.04 -10.96 -1.65
C LEU A 67 -3.98 -11.62 -0.63
N LYS A 68 -3.53 -12.70 -0.04
CA LYS A 68 -4.52 -13.51 0.65
C LYS A 68 -4.97 -12.95 1.99
N GLY A 69 -6.20 -13.32 2.37
CA GLY A 69 -6.81 -12.82 3.65
C GLY A 69 -7.22 -11.35 3.64
N ARG A 70 -7.13 -10.71 2.47
CA ARG A 70 -7.53 -9.30 2.24
C ARG A 70 -8.45 -9.28 1.03
N ILE A 71 -9.40 -8.36 1.02
CA ILE A 71 -10.18 -8.06 -0.15
C ILE A 71 -9.34 -7.29 -1.13
N ASN A 72 -9.26 -7.76 -2.38
CA ASN A 72 -8.40 -7.08 -3.38
C ASN A 72 -9.20 -6.29 -4.37
N LEU A 73 -8.93 -5.01 -4.41
CA LEU A 73 -9.61 -4.12 -5.32
C LEU A 73 -8.60 -3.45 -6.24
N VAL A 74 -8.90 -3.53 -7.55
CA VAL A 74 -8.05 -2.95 -8.56
C VAL A 74 -8.69 -1.70 -9.16
N LEU A 75 -7.88 -0.67 -9.39
CA LEU A 75 -8.32 0.52 -10.10
C LEU A 75 -7.99 0.53 -11.57
N SER A 76 -8.99 0.81 -12.42
CA SER A 76 -8.75 0.97 -13.87
C SER A 76 -10.00 1.55 -14.49
N ARG A 77 -9.77 2.40 -15.49
CA ARG A 77 -10.82 2.92 -16.35
C ARG A 77 -10.93 2.14 -17.65
N GLU A 78 -9.95 1.29 -17.95
CA GLU A 78 -9.98 0.50 -19.18
C GLU A 78 -10.62 -0.86 -19.00
N LEU A 79 -10.37 -1.50 -17.85
CA LEU A 79 -10.86 -2.86 -17.63
C LEU A 79 -12.39 -2.86 -17.55
N LYS A 80 -12.99 -3.96 -17.95
CA LYS A 80 -14.45 -4.07 -17.87
C LYS A 80 -14.91 -4.88 -16.67
N GLU A 81 -13.99 -5.63 -16.05
CA GLU A 81 -14.31 -6.45 -14.89
C GLU A 81 -13.01 -6.65 -14.13
N PRO A 82 -13.06 -7.09 -12.88
CA PRO A 82 -11.81 -7.26 -12.17
C PRO A 82 -10.96 -8.30 -12.89
N PRO A 83 -9.62 -8.14 -12.83
CA PRO A 83 -8.71 -9.14 -13.41
C PRO A 83 -8.97 -10.50 -12.75
N GLN A 84 -8.64 -11.57 -13.48
N GLN A 84 -8.64 -11.59 -13.46
CA GLN A 84 -8.56 -12.94 -12.97
CA GLN A 84 -8.72 -12.93 -12.87
C GLN A 84 -7.90 -12.99 -11.56
C GLN A 84 -7.96 -12.93 -11.55
N GLY A 85 -8.64 -13.47 -10.54
CA GLY A 85 -8.12 -13.50 -9.21
C GLY A 85 -8.41 -12.32 -8.32
N ALA A 86 -8.78 -11.16 -8.89
CA ALA A 86 -9.04 -10.01 -8.05
C ALA A 86 -10.50 -10.11 -7.63
N HIS A 87 -10.88 -9.28 -6.65
CA HIS A 87 -12.26 -9.30 -6.15
C HIS A 87 -13.12 -8.16 -6.65
N PHE A 88 -12.57 -6.95 -6.68
CA PHE A 88 -13.35 -5.80 -7.06
C PHE A 88 -12.60 -4.94 -8.09
N LEU A 89 -13.37 -4.18 -8.85
CA LEU A 89 -12.82 -3.17 -9.78
C LEU A 89 -13.49 -1.82 -9.59
N SER A 90 -12.73 -0.75 -9.41
CA SER A 90 -13.31 0.60 -9.42
C SER A 90 -12.64 1.53 -10.41
N ARG A 91 -13.37 2.57 -10.81
CA ARG A 91 -12.91 3.53 -11.82
C ARG A 91 -12.28 4.80 -11.29
N SER A 92 -12.28 4.98 -9.97
CA SER A 92 -11.57 6.12 -9.36
C SER A 92 -11.33 5.75 -7.91
N LEU A 93 -10.42 6.46 -7.23
CA LEU A 93 -10.22 6.24 -5.79
C LEU A 93 -11.49 6.62 -4.96
N ASP A 94 -12.13 7.72 -5.33
CA ASP A 94 -13.41 8.07 -4.69
C ASP A 94 -14.45 6.99 -4.80
N ASP A 95 -14.58 6.37 -5.99
CA ASP A 95 -15.48 5.24 -6.17
C ASP A 95 -15.14 4.03 -5.28
N ALA A 96 -13.85 3.70 -5.21
CA ALA A 96 -13.43 2.60 -4.39
C ALA A 96 -13.80 2.81 -2.92
N LEU A 97 -13.58 4.02 -2.41
CA LEU A 97 -13.84 4.33 -1.01
C LEU A 97 -15.37 4.36 -0.72
N LYS A 98 -16.16 4.87 -1.66
CA LYS A 98 -17.62 4.83 -1.50
C LYS A 98 -18.11 3.39 -1.39
N LEU A 99 -17.57 2.52 -2.25
CA LEU A 99 -17.90 1.11 -2.31
C LEU A 99 -17.72 0.42 -0.95
N THR A 100 -16.67 0.78 -0.21
CA THR A 100 -16.43 0.18 1.11
C THR A 100 -17.59 0.52 2.05
N GLU A 101 -18.30 1.60 1.73
CA GLU A 101 -19.44 2.07 2.51
C GLU A 101 -20.77 1.40 2.13
N GLN A 102 -20.88 0.92 0.91
CA GLN A 102 -22.06 0.20 0.46
C GLN A 102 -22.35 -1.01 1.34
N PRO A 103 -23.63 -1.43 1.37
CA PRO A 103 -23.97 -2.56 2.24
C PRO A 103 -23.25 -3.87 1.85
N GLU A 104 -22.93 -4.06 0.56
CA GLU A 104 -22.07 -5.22 0.15
C GLU A 104 -20.77 -5.37 0.98
N LEU A 105 -20.29 -4.28 1.59
CA LEU A 105 -18.95 -4.22 2.19
C LEU A 105 -18.83 -3.46 3.53
N ALA A 106 -19.82 -2.64 3.84
CA ALA A 106 -19.76 -1.76 5.04
C ALA A 106 -19.46 -2.45 6.36
N ASN A 107 -19.98 -3.68 6.45
N ASN A 107 -19.97 -3.66 6.61
CA ASN A 107 -19.93 -4.57 7.61
CA ASN A 107 -19.63 -4.32 7.89
C ASN A 107 -18.67 -5.46 7.71
C ASN A 107 -18.53 -5.38 7.80
N LYS A 108 -17.91 -5.50 6.62
CA LYS A 108 -16.86 -6.52 6.42
C LYS A 108 -15.43 -5.95 6.36
N VAL A 109 -15.31 -4.65 6.10
CA VAL A 109 -13.98 -4.01 5.91
C VAL A 109 -13.56 -3.32 7.19
N ASP A 110 -12.39 -3.71 7.71
CA ASP A 110 -11.71 -2.96 8.75
C ASP A 110 -10.80 -1.82 8.15
N MET A 111 -9.50 -2.04 8.07
CA MET A 111 -8.60 -1.01 7.50
C MET A 111 -8.61 -1.02 5.96
N VAL A 112 -8.43 0.15 5.36
CA VAL A 112 -8.06 0.17 3.92
C VAL A 112 -6.63 0.52 3.69
N TRP A 113 -5.96 -0.26 2.79
CA TRP A 113 -4.54 -0.06 2.54
C TRP A 113 -4.34 0.18 1.03
N ILE A 114 -3.82 1.36 0.70
CA ILE A 114 -3.37 1.66 -0.65
C ILE A 114 -1.98 1.11 -0.79
N VAL A 115 -1.81 0.13 -1.70
CA VAL A 115 -0.56 -0.58 -1.81
C VAL A 115 0.21 -0.32 -3.16
N GLY A 116 -0.23 0.67 -3.94
CA GLY A 116 0.54 1.16 -5.12
C GLY A 116 -0.41 1.41 -6.27
N GLY A 117 -0.01 2.15 -7.29
CA GLY A 117 1.31 2.74 -7.36
C GLY A 117 1.28 4.27 -7.29
N SER A 118 2.11 4.93 -8.11
CA SER A 118 2.33 6.39 -7.92
C SER A 118 1.11 7.31 -7.93
N SER A 119 0.28 7.20 -8.96
CA SER A 119 -0.94 8.02 -9.06
C SER A 119 -1.89 7.87 -7.91
N VAL A 120 -2.07 6.63 -7.44
CA VAL A 120 -3.00 6.33 -6.36
C VAL A 120 -2.43 6.92 -5.08
N TYR A 121 -1.13 6.68 -4.85
CA TYR A 121 -0.48 7.28 -3.67
C TYR A 121 -0.68 8.79 -3.68
N LYS A 122 -0.40 9.43 -4.81
CA LYS A 122 -0.41 10.91 -4.85
C LYS A 122 -1.81 11.42 -4.48
N GLU A 123 -2.84 10.80 -5.06
CA GLU A 123 -4.19 11.33 -4.87
C GLU A 123 -4.62 11.17 -3.42
N ALA A 124 -4.35 9.98 -2.85
CA ALA A 124 -4.65 9.78 -1.45
C ALA A 124 -3.91 10.77 -0.55
N MET A 125 -2.64 11.08 -0.85
CA MET A 125 -1.79 11.85 0.06
C MET A 125 -2.13 13.34 0.08
N ASN A 126 -2.87 13.77 -0.94
CA ASN A 126 -3.18 15.16 -1.15
C ASN A 126 -4.68 15.39 -0.93
N HIS A 127 -5.36 14.35 -0.46
CA HIS A 127 -6.79 14.43 -0.16
C HIS A 127 -6.98 14.77 1.31
N PRO A 128 -7.81 15.80 1.60
CA PRO A 128 -7.97 16.17 3.03
C PRO A 128 -8.51 15.01 3.87
N GLY A 129 -8.02 14.87 5.10
CA GLY A 129 -8.52 13.82 6.01
C GLY A 129 -7.41 13.13 6.80
N HIS A 130 -7.76 12.07 7.49
CA HIS A 130 -6.83 11.38 8.40
C HIS A 130 -6.21 10.27 7.59
N LEU A 131 -4.86 10.21 7.54
CA LEU A 131 -4.22 9.24 6.63
C LEU A 131 -2.87 8.91 7.23
N LYS A 132 -2.52 7.63 7.25
CA LYS A 132 -1.15 7.26 7.68
C LYS A 132 -0.37 6.71 6.52
N LEU A 133 0.95 6.92 6.54
CA LEU A 133 1.84 6.36 5.48
C LEU A 133 2.82 5.43 6.19
N PHE A 134 2.83 4.17 5.78
CA PHE A 134 3.82 3.21 6.28
C PHE A 134 4.90 3.13 5.25
N VAL A 135 6.06 3.69 5.55
CA VAL A 135 7.11 3.84 4.51
C VAL A 135 8.36 3.06 4.92
N THR A 136 8.80 2.13 4.06
CA THR A 136 10.11 1.50 4.34
C THR A 136 11.18 2.26 3.53
N ARG A 137 12.21 2.80 4.22
CA ARG A 137 13.26 3.56 3.62
C ARG A 137 14.36 2.60 3.28
N ILE A 138 14.50 2.24 2.00
CA ILE A 138 15.64 1.46 1.51
C ILE A 138 16.79 2.44 1.39
N MET A 139 17.89 2.21 2.13
CA MET A 139 18.90 3.24 2.36
C MET A 139 20.02 3.22 1.31
N GLN A 140 19.64 3.07 0.03
CA GLN A 140 20.63 3.10 -1.08
C GLN A 140 19.88 3.68 -2.27
N ASP A 141 20.62 4.14 -3.28
CA ASP A 141 20.00 4.57 -4.54
C ASP A 141 19.81 3.33 -5.40
N PHE A 142 18.66 3.27 -6.09
CA PHE A 142 18.39 2.22 -7.08
C PHE A 142 17.80 2.85 -8.34
N GLU A 143 18.31 2.44 -9.52
CA GLU A 143 17.83 2.97 -10.80
C GLU A 143 16.34 2.59 -10.84
N SER A 144 15.50 3.57 -11.17
CA SER A 144 14.04 3.39 -11.09
C SER A 144 13.38 4.08 -12.26
N ASP A 145 12.18 3.66 -12.61
CA ASP A 145 11.40 4.44 -13.59
C ASP A 145 10.06 4.89 -13.04
N THR A 146 9.86 4.65 -11.74
CA THR A 146 8.62 5.05 -11.07
C THR A 146 8.96 5.41 -9.61
N PHE A 147 8.39 6.52 -9.20
CA PHE A 147 8.82 7.25 -7.98
C PHE A 147 7.64 7.51 -7.05
N PHE A 148 7.92 7.60 -5.77
CA PHE A 148 6.95 7.94 -4.77
C PHE A 148 6.73 9.46 -4.72
N PRO A 149 5.48 9.92 -4.56
CA PRO A 149 5.22 11.37 -4.56
C PRO A 149 5.90 11.99 -3.33
N GLU A 150 6.14 13.29 -3.41
CA GLU A 150 6.66 14.05 -2.29
C GLU A 150 5.79 13.88 -1.05
N ILE A 151 6.46 13.60 0.08
CA ILE A 151 5.84 13.70 1.44
C ILE A 151 5.99 15.11 2.02
N ASP A 152 4.89 15.83 2.18
CA ASP A 152 4.93 17.13 2.81
C ASP A 152 5.05 16.95 4.33
N LEU A 153 6.24 17.23 4.92
CA LEU A 153 6.50 17.02 6.38
C LEU A 153 5.83 18.09 7.22
N GLU A 154 5.26 19.11 6.58
CA GLU A 154 4.47 20.08 7.33
C GLU A 154 3.14 19.44 7.80
N LYS A 155 2.63 18.52 6.99
CA LYS A 155 1.35 17.86 7.23
C LYS A 155 1.60 16.46 7.83
N TYR A 156 2.57 15.73 7.29
CA TYR A 156 2.80 14.30 7.71
C TYR A 156 3.81 14.24 8.82
N LYS A 157 3.36 13.94 10.04
CA LYS A 157 4.24 13.85 11.20
C LYS A 157 4.84 12.47 11.26
N LEU A 158 6.17 12.39 11.39
CA LEU A 158 6.88 11.11 11.55
C LEU A 158 6.66 10.69 13.00
N LEU A 159 6.08 9.51 13.21
CA LEU A 159 5.78 9.06 14.58
C LEU A 159 7.01 8.51 15.25
N PRO A 160 7.19 8.83 16.56
CA PRO A 160 8.45 8.43 17.22
C PRO A 160 8.51 6.94 17.59
N GLU A 161 7.39 6.20 17.48
CA GLU A 161 7.37 4.77 17.73
C GLU A 161 5.99 4.33 17.22
N TYR A 162 5.84 3.05 16.91
CA TYR A 162 4.51 2.56 16.54
C TYR A 162 4.47 1.05 16.83
N PRO A 163 3.42 0.60 17.51
CA PRO A 163 3.30 -0.80 17.92
C PRO A 163 3.40 -1.71 16.74
N GLY A 164 4.22 -2.76 16.85
CA GLY A 164 4.30 -3.74 15.75
C GLY A 164 5.33 -3.37 14.68
N VAL A 165 5.99 -2.21 14.83
CA VAL A 165 6.95 -1.78 13.84
C VAL A 165 8.31 -1.64 14.47
N LEU A 166 9.27 -2.43 13.98
CA LEU A 166 10.68 -2.32 14.45
C LEU A 166 11.30 -0.96 14.15
N SER A 167 12.05 -0.39 15.11
CA SER A 167 12.67 0.94 14.97
C SER A 167 14.13 0.95 14.50
N ASP A 168 14.78 -0.21 14.63
CA ASP A 168 16.18 -0.30 14.28
C ASP A 168 16.39 -0.66 12.80
N VAL A 169 17.62 -0.55 12.36
CA VAL A 169 18.01 -0.79 10.94
C VAL A 169 17.96 -2.30 10.66
N GLN A 170 17.31 -2.63 9.55
CA GLN A 170 17.19 -3.98 9.02
C GLN A 170 18.21 -4.09 7.95
N GLU A 171 18.60 -5.34 7.64
CA GLU A 171 19.48 -5.56 6.49
C GLU A 171 19.20 -6.92 5.88
N GLU A 172 19.00 -6.95 4.56
CA GLU A 172 18.91 -8.22 3.82
C GLU A 172 19.64 -8.03 2.50
N LYS A 173 20.35 -9.09 2.07
CA LYS A 173 21.14 -9.09 0.86
C LYS A 173 22.05 -7.88 0.77
N GLY A 174 22.58 -7.50 1.94
CA GLY A 174 23.51 -6.37 2.01
C GLY A 174 22.87 -5.02 1.80
N ILE A 175 21.53 -4.96 1.86
CA ILE A 175 20.80 -3.69 1.66
C ILE A 175 20.18 -3.29 3.05
N LYS A 176 20.62 -2.18 3.64
CA LYS A 176 20.01 -1.65 4.86
C LYS A 176 18.71 -0.93 4.57
N TYR A 177 17.80 -1.08 5.51
CA TYR A 177 16.52 -0.37 5.38
C TYR A 177 15.93 -0.19 6.77
N LYS A 178 14.98 0.73 6.83
CA LYS A 178 14.29 1.04 8.12
C LYS A 178 12.83 1.37 7.90
N PHE A 179 12.01 1.07 8.91
CA PHE A 179 10.56 1.30 8.82
C PHE A 179 10.19 2.63 9.47
N GLU A 180 9.23 3.32 8.84
CA GLU A 180 8.70 4.59 9.30
C GLU A 180 7.20 4.60 9.22
N VAL A 181 6.60 5.40 10.11
CA VAL A 181 5.14 5.63 9.99
C VAL A 181 4.90 7.14 10.14
N TYR A 182 4.12 7.72 9.21
CA TYR A 182 3.80 9.11 9.15
C TYR A 182 2.28 9.23 9.31
N GLU A 183 1.84 10.35 9.87
CA GLU A 183 0.39 10.55 10.05
C GLU A 183 0.04 12.02 9.78
N LYS A 184 -1.00 12.23 8.99
CA LYS A 184 -1.55 13.59 8.85
C LYS A 184 -3.01 13.54 9.28
N ASN A 185 -3.57 14.72 9.59
CA ASN A 185 -5.00 14.82 9.83
C ASN A 185 -5.40 16.22 9.51
N ASP A 186 -6.05 16.39 8.36
CA ASP A 186 -6.36 17.74 7.84
C ASP A 186 -7.69 17.73 7.10
C1 D2Q B . 6.27 -16.41 -2.01
C2 D2Q B . 5.28 -15.83 -1.03
C3 D2Q B . 6.71 -12.18 -4.20
C1' D2Q B . 5.05 -6.51 -4.95
N1' D2Q B . 6.54 -3.43 0.39
C2' D2Q B . 6.03 -2.32 0.89
C2'A D2Q B . 5.86 -7.56 -5.30
N2' D2Q B . 6.65 -1.68 1.88
O2' D2Q B . 5.90 -8.69 -4.53
C21 D2Q B . 6.70 -9.75 -5.11
C26 D2Q B . 6.94 -10.69 -3.94
C3' D2Q B . 6.60 -7.46 -6.46
N3' D2Q B . 4.89 -1.84 0.37
C4' D2Q B . 4.23 -2.46 -0.62
C4'A D2Q B . 6.54 -6.32 -7.25
N4' D2Q B . 3.11 -1.91 -1.06
C44 D2Q B . 7.18 -13.03 -3.02
C45 D2Q B . 7.04 -14.55 -3.20
O46 D2Q B . 6.84 -15.07 -4.31
O47 D2Q B . 7.23 -15.37 -2.10
C4A D2Q B . 4.75 -3.64 -1.15
C5' D2Q B . 4.15 -4.38 -2.15
C5'A D2Q B . 5.74 -5.23 -6.90
O5' D2Q B . 5.57 -4.03 -7.59
C51 D2Q B . 2.87 -3.98 -2.82
C5A D2Q B . 6.32 -3.31 -8.74
C6' D2Q B . 4.76 -5.55 -2.61
C6'A D2Q B . 5.00 -5.37 -5.74
C61 D2Q B . 4.18 -6.46 -3.72
C7' D2Q B . 5.92 -5.92 -2.02
N8' D2Q B . 6.47 -5.22 -1.07
C8A D2Q B . 5.93 -4.10 -0.59
PA NDP C . -0.47 2.87 -10.87
O1A NDP C . -0.19 2.62 -9.43
O2A NDP C . -0.79 4.23 -11.32
O5B NDP C . -1.67 1.90 -11.31
C5B NDP C . -2.65 2.35 -12.26
C4B NDP C . -3.04 1.21 -13.22
O4B NDP C . -4.40 0.82 -12.98
C3B NDP C . -3.02 1.73 -14.67
O3B NDP C . -2.52 0.70 -15.52
C2B NDP C . -4.48 2.00 -14.99
O2B NDP C . -4.63 3.36 -15.42
C1B NDP C . -5.20 1.81 -13.65
N9A NDP C . -5.19 3.08 -12.90
C8A NDP C . -4.18 3.96 -12.84
N7A NDP C . -4.53 4.99 -12.06
C5A NDP C . -5.76 4.76 -11.62
C6A NDP C . -6.62 5.47 -10.79
N6A NDP C . -6.26 6.63 -10.26
N1A NDP C . -7.84 4.95 -10.54
C2A NDP C . -8.21 3.79 -11.06
N3A NDP C . -7.41 3.10 -11.85
C4A NDP C . -6.18 3.56 -12.15
O3 NDP C . 0.76 2.30 -11.73
PN NDP C . 2.26 2.79 -11.42
O1N NDP C . 2.19 3.94 -10.49
O2N NDP C . 2.97 2.94 -12.71
O5D NDP C . 2.86 1.52 -10.65
C5D NDP C . 3.70 0.59 -11.34
C4D NDP C . 4.94 0.25 -10.50
O4D NDP C . 4.65 0.43 -9.11
C3D NDP C . 5.22 -1.26 -10.63
O3D NDP C . 6.28 -1.45 -11.57
C2D NDP C . 5.71 -1.65 -9.23
O2D NDP C . 7.07 -2.09 -9.31
C1D NDP C . 5.65 -0.33 -8.44
N1N NDP C . 5.22 -0.61 -7.06
C2N NDP C . 6.13 -0.46 -5.99
C3N NDP C . 5.71 -0.72 -4.69
C7N NDP C . 6.70 -0.56 -3.53
O7N NDP C . 6.31 -0.51 -2.37
N7N NDP C . 7.98 -0.47 -3.88
C4N NDP C . 4.42 -1.15 -4.44
C5N NDP C . 3.51 -1.30 -5.49
C6N NDP C . 3.91 -1.03 -6.79
P2B NDP C . -5.82 3.76 -16.44
O1X NDP C . -6.80 4.74 -15.59
O2X NDP C . -6.67 2.40 -16.67
O3X NDP C . -5.34 4.37 -17.70
#